data_4TW9
#
_entry.id   4TW9
#
_cell.length_a   52.049
_cell.length_b   135.707
_cell.length_c   57.183
_cell.angle_alpha   90.000
_cell.angle_beta   99.420
_cell.angle_gamma   90.000
#
_symmetry.space_group_name_H-M   'P 1 21 1'
#
loop_
_entity.id
_entity.type
_entity.pdbx_description
1 polymer 'Casein kinase I isoform delta'
2 non-polymer 'SULFATE ION'
3 non-polymer 'octyl beta-L-talopyranoside'
4 non-polymer 'CHLORIDE ION'
5 non-polymer 'SODIUM ION'
6 non-polymer N-(2,2-difluoro-5H-[1,3]dioxolo[4,5-f]benzimidazol-6-yl)-2-{[2-(trifluoromethoxy)benzoyl]amino}-1,3-thiazole-4-carboxamide
7 water water
#
_entity_poly.entity_id   1
_entity_poly.type   'polypeptide(L)'
_entity_poly.pdbx_seq_one_letter_code
;MELRVGNRYRLGNKIGSGSFGDIYLGTDIAAGEEVAIKLECVKTKHPQLHIESKIYKMMQGGVGIPTIRWCGAEGDYNVM
VMELLGPSLEDLFNFCSRKFSLKTVLLLADQMISRIEYIHSKNFIHRDVKPDNFLMGLGKKGNLVYIIDFGLAKKYRDAR
THQHIPYRENKNLTGTARYASINTHLGIEQSRRDDLESLGYVLMYFNLGSLPWQGLKAATKRQKYERISEKKMSTPIEVL
CKGYPSEFATYLNFCRSLRFDDKPDYSYLRQLFRNLFHRQGFSYDYVFDWNMLKF
;
_entity_poly.pdbx_strand_id   A,B
#
# COMPACT_ATOMS: atom_id res chain seq x y z
N GLU A 2 12.93 -12.45 16.64
CA GLU A 2 12.28 -11.52 17.62
C GLU A 2 13.23 -10.41 18.07
N LEU A 3 12.80 -9.16 17.91
CA LEU A 3 13.63 -7.97 18.22
C LEU A 3 12.94 -7.08 19.26
N ARG A 4 13.58 -6.90 20.42
CA ARG A 4 13.05 -6.09 21.52
C ARG A 4 13.79 -4.73 21.60
N VAL A 5 13.05 -3.66 21.85
CA VAL A 5 13.66 -2.36 22.21
C VAL A 5 13.03 -1.81 23.50
N GLY A 6 13.89 -1.25 24.36
CA GLY A 6 13.49 -0.61 25.61
C GLY A 6 13.09 -1.60 26.69
N ASN A 7 13.35 -2.87 26.42
CA ASN A 7 12.84 -3.96 27.24
C ASN A 7 11.32 -3.93 27.46
N ARG A 8 10.58 -3.36 26.52
CA ARG A 8 9.12 -3.49 26.56
C ARG A 8 8.45 -3.46 25.20
N TYR A 9 9.21 -3.17 24.13
CA TYR A 9 8.65 -3.15 22.77
C TYR A 9 9.25 -4.20 21.87
N ARG A 10 8.39 -4.87 21.10
CA ARG A 10 8.78 -5.83 20.07
C ARG A 10 8.82 -5.11 18.73
N LEU A 11 9.94 -5.19 18.00
CA LEU A 11 10.06 -4.47 16.73
C LEU A 11 9.60 -5.31 15.56
N GLY A 12 8.59 -4.80 14.85
CA GLY A 12 8.09 -5.40 13.61
C GLY A 12 8.74 -4.78 12.38
N ASN A 13 7.97 -4.67 11.29
CA ASN A 13 8.48 -4.23 9.99
C ASN A 13 8.30 -2.73 9.66
N LYS A 14 9.08 -2.26 8.69
CA LYS A 14 9.07 -0.89 8.24
C LYS A 14 7.68 -0.59 7.74
N ILE A 15 7.09 0.49 8.25
CA ILE A 15 5.83 1.05 7.78
C ILE A 15 5.99 2.51 7.34
N GLY A 16 7.22 3.05 7.36
CA GLY A 16 7.42 4.46 6.99
C GLY A 16 8.87 4.89 6.84
N SER A 17 9.09 5.94 6.02
CA SER A 17 10.39 6.64 5.93
C SER A 17 10.15 8.16 5.84
N GLY A 18 10.54 8.88 6.88
CA GLY A 18 10.48 10.33 6.89
C GLY A 18 11.75 11.00 6.38
N SER A 19 11.96 12.23 6.84
CA SER A 19 13.08 13.06 6.42
C SER A 19 14.41 12.47 6.90
N PHE A 20 14.42 12.01 8.15
N PHE A 20 14.43 11.95 8.11
CA PHE A 20 15.51 11.23 8.73
CA PHE A 20 15.51 11.13 8.60
C PHE A 20 14.89 9.98 9.37
C PHE A 20 14.89 9.98 9.35
N GLY A 21 15.72 9.02 9.75
CA GLY A 21 15.24 7.82 10.43
C GLY A 21 14.34 6.95 9.56
N ASP A 22 13.68 6.00 10.20
CA ASP A 22 12.74 5.12 9.52
C ASP A 22 11.74 4.70 10.59
N ILE A 23 10.51 4.41 10.20
CA ILE A 23 9.44 4.14 11.16
C ILE A 23 9.01 2.73 10.96
N TYR A 24 8.77 2.03 12.07
CA TYR A 24 8.39 0.63 12.04
C TYR A 24 7.20 0.37 12.94
N LEU A 25 6.59 -0.77 12.71
CA LEU A 25 5.50 -1.27 13.52
C LEU A 25 6.17 -2.04 14.63
N GLY A 26 5.58 -2.01 15.82
CA GLY A 26 6.01 -2.83 16.94
C GLY A 26 4.85 -2.94 17.92
N THR A 27 5.02 -3.71 18.99
CA THR A 27 3.99 -3.88 20.03
C THR A 27 4.52 -3.58 21.43
N ASP A 28 3.80 -2.72 22.15
CA ASP A 28 3.99 -2.53 23.57
C ASP A 28 3.64 -3.87 24.20
N ILE A 29 4.64 -4.65 24.60
CA ILE A 29 4.37 -6.03 24.98
C ILE A 29 3.53 -6.03 26.26
N ALA A 30 3.84 -5.09 27.14
CA ALA A 30 3.13 -4.98 28.42
C ALA A 30 1.70 -4.53 28.17
N ALA A 31 1.54 -3.33 27.59
CA ALA A 31 0.20 -2.76 27.37
C ALA A 31 -0.71 -3.64 26.47
N GLY A 32 -0.11 -4.43 25.58
CA GLY A 32 -0.85 -5.28 24.65
C GLY A 32 -1.48 -4.49 23.52
N GLU A 33 -0.75 -3.47 23.07
CA GLU A 33 -1.26 -2.58 22.03
C GLU A 33 -0.09 -2.07 21.18
N GLU A 34 -0.40 -1.77 19.91
CA GLU A 34 0.63 -1.60 18.89
C GLU A 34 1.15 -0.19 18.92
N VAL A 35 2.25 0.04 18.20
CA VAL A 35 2.93 1.34 18.21
C VAL A 35 3.78 1.59 16.95
N ALA A 36 4.14 2.86 16.78
CA ALA A 36 5.08 3.31 15.79
C ALA A 36 6.36 3.52 16.55
N ILE A 37 7.48 3.18 15.94
CA ILE A 37 8.77 3.17 16.61
C ILE A 37 9.77 3.79 15.67
N LYS A 38 10.09 5.07 15.87
CA LYS A 38 11.06 5.74 15.01
C LYS A 38 12.45 5.26 15.37
N LEU A 39 13.25 4.83 14.41
CA LEU A 39 14.63 4.46 14.69
C LEU A 39 15.58 5.26 13.81
N GLU A 40 16.63 5.76 14.43
CA GLU A 40 17.70 6.43 13.75
C GLU A 40 18.95 5.73 14.21
N CYS A 41 19.81 5.35 13.27
CA CYS A 41 21.06 4.68 13.66
C CYS A 41 22.07 5.72 14.09
N VAL A 42 22.83 5.35 15.13
CA VAL A 42 23.68 6.28 15.84
C VAL A 42 24.95 6.63 15.08
N LYS A 43 25.23 5.98 13.95
CA LYS A 43 26.45 6.31 13.19
C LYS A 43 26.10 7.15 11.96
N THR A 44 25.15 8.06 12.14
CA THR A 44 24.82 9.07 11.13
C THR A 44 25.64 10.31 11.42
N LYS A 45 26.23 10.89 10.36
CA LYS A 45 26.92 12.18 10.44
C LYS A 45 26.19 13.21 11.33
N HIS A 46 24.86 13.35 11.19
CA HIS A 46 24.12 14.38 11.96
C HIS A 46 22.86 13.93 12.67
N PRO A 47 23.01 13.49 13.94
CA PRO A 47 21.95 13.07 14.86
C PRO A 47 20.81 14.07 15.00
N GLN A 48 19.61 13.56 15.24
CA GLN A 48 18.39 14.31 15.04
C GLN A 48 17.20 13.78 15.86
N LEU A 49 17.07 12.47 15.99
CA LEU A 49 15.90 11.91 16.67
C LEU A 49 15.69 12.61 18.01
N HIS A 50 16.76 12.75 18.79
CA HIS A 50 16.67 13.30 20.14
C HIS A 50 16.27 14.75 20.18
N ILE A 51 16.74 15.53 19.21
CA ILE A 51 16.24 16.89 19.03
C ILE A 51 14.74 16.84 18.70
N GLU A 52 14.37 16.17 17.61
CA GLU A 52 12.95 16.00 17.26
C GLU A 52 12.11 15.53 18.45
N SER A 53 12.69 14.63 19.25
CA SER A 53 11.99 14.08 20.38
C SER A 53 11.55 15.20 21.29
N LYS A 54 12.44 16.17 21.53
CA LYS A 54 12.11 17.34 22.36
C LYS A 54 11.10 18.24 21.69
N ILE A 55 11.10 18.35 20.37
CA ILE A 55 10.04 19.11 19.72
C ILE A 55 8.66 18.48 20.00
N TYR A 56 8.59 17.14 20.00
CA TYR A 56 7.34 16.44 20.32
C TYR A 56 6.85 16.66 21.75
N LYS A 57 7.76 16.64 22.71
CA LYS A 57 7.37 16.91 24.10
C LYS A 57 6.88 18.34 24.28
N MET A 58 7.31 19.28 23.44
CA MET A 58 6.87 20.68 23.56
C MET A 58 5.47 20.85 22.93
N MET A 59 5.11 19.99 21.99
CA MET A 59 3.80 20.06 21.31
C MET A 59 2.71 19.25 22.01
N GLN A 60 3.09 18.44 22.97
CA GLN A 60 2.21 17.38 23.52
C GLN A 60 0.91 17.95 24.09
N GLY A 61 -0.18 17.19 23.97
CA GLY A 61 -1.50 17.70 24.36
C GLY A 61 -1.99 18.85 23.49
N GLY A 62 -1.64 18.81 22.22
CA GLY A 62 -2.23 19.69 21.24
C GLY A 62 -3.06 18.80 20.33
N VAL A 63 -4.18 19.32 19.88
CA VAL A 63 -5.05 18.61 18.96
C VAL A 63 -4.27 18.04 17.80
N GLY A 64 -4.39 16.74 17.59
CA GLY A 64 -3.73 16.09 16.45
C GLY A 64 -2.22 16.26 16.38
N ILE A 65 -1.61 16.44 17.55
CA ILE A 65 -0.18 16.22 17.68
C ILE A 65 0.00 14.82 18.27
N PRO A 66 0.80 13.95 17.60
CA PRO A 66 1.14 12.59 18.06
C PRO A 66 1.68 12.50 19.50
N THR A 67 1.19 11.53 20.27
CA THR A 67 1.67 11.30 21.59
C THR A 67 3.00 10.51 21.54
N ILE A 68 3.97 10.96 22.35
CA ILE A 68 5.26 10.27 22.49
C ILE A 68 5.13 9.36 23.73
N ARG A 69 5.36 8.06 23.54
CA ARG A 69 5.19 7.08 24.59
C ARG A 69 6.47 6.94 25.39
N TRP A 70 7.62 6.91 24.69
CA TRP A 70 8.93 6.63 25.31
C TRP A 70 10.07 6.99 24.36
N CYS A 71 11.10 7.65 24.88
CA CYS A 71 12.27 7.98 24.07
C CYS A 71 13.56 7.42 24.74
N GLY A 72 14.57 7.13 23.93
CA GLY A 72 15.92 6.80 24.45
C GLY A 72 16.87 6.12 23.47
N ALA A 73 18.16 6.22 23.72
CA ALA A 73 19.14 5.56 22.86
C ALA A 73 19.51 4.17 23.40
N GLU A 74 19.67 3.24 22.46
CA GLU A 74 19.83 1.82 22.81
C GLU A 74 20.74 1.11 21.84
N GLY A 75 22.02 1.04 22.19
CA GLY A 75 23.03 0.44 21.34
C GLY A 75 23.36 1.28 20.11
N ASP A 76 22.84 0.87 18.96
CA ASP A 76 23.18 1.46 17.66
C ASP A 76 22.06 2.32 17.11
N TYR A 77 20.99 2.45 17.88
CA TYR A 77 19.80 3.15 17.41
C TYR A 77 19.21 3.97 18.52
N ASN A 78 19.12 5.27 18.29
CA ASN A 78 18.27 6.10 19.10
C ASN A 78 16.86 5.63 18.77
N VAL A 79 15.93 5.61 19.70
CA VAL A 79 14.57 5.12 19.38
C VAL A 79 13.51 6.00 20.02
N MET A 80 12.33 6.04 19.41
CA MET A 80 11.29 6.96 19.83
C MET A 80 9.99 6.26 19.59
N VAL A 81 9.32 5.83 20.64
CA VAL A 81 8.06 5.13 20.48
C VAL A 81 6.90 6.12 20.48
N MET A 82 6.15 6.14 19.37
CA MET A 82 5.00 7.03 19.21
C MET A 82 3.70 6.25 19.15
N GLU A 83 2.61 6.90 19.54
CA GLU A 83 1.27 6.39 19.26
C GLU A 83 1.20 6.00 17.77
N LEU A 84 0.69 4.80 17.47
CA LEU A 84 0.44 4.42 16.07
C LEU A 84 -0.72 5.26 15.50
N LEU A 85 -0.71 5.50 14.20
CA LEU A 85 -1.58 6.46 13.54
C LEU A 85 -2.09 5.80 12.27
N GLY A 86 -3.25 6.23 11.79
CA GLY A 86 -3.78 5.74 10.53
C GLY A 86 -2.85 6.21 9.43
N PRO A 87 -3.31 6.09 8.17
CA PRO A 87 -2.47 6.38 7.04
C PRO A 87 -2.40 7.86 6.72
N SER A 88 -1.45 8.18 5.84
CA SER A 88 -1.16 9.55 5.43
C SER A 88 -2.13 10.01 4.34
N LEU A 89 -2.17 11.31 4.12
CA LEU A 89 -3.02 11.86 3.05
C LEU A 89 -2.50 11.49 1.67
N GLU A 90 -1.19 11.32 1.49
CA GLU A 90 -0.69 10.81 0.20
C GLU A 90 -1.19 9.37 -0.02
N ASP A 91 -1.14 8.54 1.01
CA ASP A 91 -1.60 7.15 0.91
C ASP A 91 -3.10 7.16 0.51
N LEU A 92 -3.91 7.86 1.30
CA LEU A 92 -5.33 8.04 1.01
C LEU A 92 -5.57 8.64 -0.36
N PHE A 93 -4.80 9.66 -0.72
CA PHE A 93 -4.96 10.33 -2.03
C PHE A 93 -4.87 9.32 -3.17
N ASN A 94 -3.89 8.42 -3.08
CA ASN A 94 -3.68 7.36 -4.06
C ASN A 94 -4.75 6.29 -3.98
N PHE A 95 -5.16 5.94 -2.76
CA PHE A 95 -6.23 4.99 -2.62
C PHE A 95 -7.50 5.53 -3.33
N CYS A 96 -7.74 6.83 -3.20
CA CYS A 96 -8.85 7.52 -3.89
C CYS A 96 -8.53 7.86 -5.35
N SER A 97 -7.45 7.29 -5.90
CA SER A 97 -7.05 7.46 -7.30
C SER A 97 -6.66 8.89 -7.70
N ARG A 98 -5.89 9.56 -6.84
CA ARG A 98 -5.37 10.90 -7.10
C ARG A 98 -6.49 11.94 -7.36
N LYS A 99 -7.62 11.87 -6.66
CA LYS A 99 -8.64 12.92 -6.72
C LYS A 99 -9.61 12.94 -5.55
N PHE A 100 -9.73 14.13 -4.94
CA PHE A 100 -10.55 14.33 -3.75
C PHE A 100 -11.67 15.28 -4.13
N SER A 101 -12.84 15.06 -3.55
CA SER A 101 -13.95 15.99 -3.70
C SER A 101 -13.63 17.30 -2.99
N LEU A 102 -14.25 18.39 -3.46
CA LEU A 102 -14.19 19.66 -2.76
C LEU A 102 -14.46 19.50 -1.25
N LYS A 103 -15.42 18.66 -0.84
CA LYS A 103 -15.70 18.46 0.59
C LYS A 103 -14.54 17.95 1.42
N THR A 104 -13.92 16.87 0.95
CA THR A 104 -12.73 16.33 1.61
C THR A 104 -11.54 17.32 1.65
N VAL A 105 -11.33 18.07 0.59
CA VAL A 105 -10.23 19.04 0.53
C VAL A 105 -10.44 20.21 1.52
N LEU A 106 -11.70 20.48 1.86
CA LEU A 106 -12.03 21.57 2.79
C LEU A 106 -12.08 21.11 4.26
N LEU A 107 -12.53 19.88 4.51
CA LEU A 107 -12.42 19.29 5.86
C LEU A 107 -10.98 19.20 6.29
N LEU A 108 -10.13 18.87 5.33
CA LEU A 108 -8.71 18.73 5.56
C LEU A 108 -8.06 20.10 5.68
N ALA A 109 -8.31 20.99 4.72
CA ALA A 109 -7.83 22.39 4.83
C ALA A 109 -8.10 22.98 6.20
N ASP A 110 -9.30 22.85 6.70
CA ASP A 110 -9.59 23.39 8.02
C ASP A 110 -8.75 22.83 9.18
N GLN A 111 -8.52 21.53 9.18
CA GLN A 111 -7.64 20.96 10.17
C GLN A 111 -6.17 21.27 9.88
N MET A 112 -5.77 21.29 8.62
CA MET A 112 -4.36 21.50 8.30
C MET A 112 -3.86 22.88 8.74
N ILE A 113 -4.74 23.87 8.65
CA ILE A 113 -4.38 25.21 9.02
C ILE A 113 -4.26 25.31 10.54
N SER A 114 -5.13 24.62 11.28
CA SER A 114 -5.10 24.64 12.76
C SER A 114 -3.84 23.98 13.35
N ARG A 115 -3.43 22.80 12.85
CA ARG A 115 -2.16 22.19 13.28
C ARG A 115 -0.96 23.09 12.97
N ILE A 116 -0.97 23.73 11.80
CA ILE A 116 0.10 24.64 11.45
C ILE A 116 0.06 25.81 12.40
N GLU A 117 -1.13 26.31 12.72
CA GLU A 117 -1.23 27.45 13.64
C GLU A 117 -0.74 27.10 15.01
N TYR A 118 -1.09 25.90 15.46
CA TYR A 118 -0.67 25.46 16.79
C TYR A 118 0.87 25.35 16.89
N ILE A 119 1.53 24.81 15.86
CA ILE A 119 2.99 24.73 15.81
C ILE A 119 3.64 26.12 15.92
N HIS A 120 3.12 27.04 15.11
CA HIS A 120 3.54 28.44 15.14
C HIS A 120 3.37 29.13 16.49
N SER A 121 2.51 28.62 17.36
CA SER A 121 2.27 29.26 18.65
C SER A 121 3.17 28.69 19.73
N LYS A 122 3.68 27.48 19.52
CA LYS A 122 4.76 26.98 20.34
C LYS A 122 6.11 27.34 19.68
N ASN A 123 6.15 28.42 18.91
CA ASN A 123 7.41 29.05 18.46
C ASN A 123 8.18 28.37 17.36
N PHE A 124 7.60 27.32 16.77
CA PHE A 124 8.28 26.59 15.69
C PHE A 124 7.62 26.81 14.34
N ILE A 125 8.44 26.81 13.28
CA ILE A 125 7.93 26.54 11.94
C ILE A 125 8.28 25.10 11.55
N HIS A 126 7.40 24.50 10.74
CA HIS A 126 7.51 23.06 10.36
C HIS A 126 8.52 22.83 9.24
N ARG A 127 8.36 23.60 8.18
CA ARG A 127 9.24 23.66 7.00
C ARG A 127 9.18 22.48 6.01
N ASP A 128 8.36 21.46 6.27
CA ASP A 128 8.12 20.44 5.25
C ASP A 128 6.66 19.96 5.20
N VAL A 129 5.76 20.93 5.05
CA VAL A 129 4.35 20.69 5.03
C VAL A 129 4.12 19.94 3.75
N LYS A 130 3.62 18.71 3.81
CA LYS A 130 3.30 17.93 2.61
C LYS A 130 2.35 16.75 2.93
N PRO A 131 1.75 16.12 1.92
CA PRO A 131 0.78 15.07 2.18
C PRO A 131 1.18 13.93 3.14
N ASP A 132 2.45 13.50 3.13
CA ASP A 132 2.93 12.37 3.94
C ASP A 132 3.01 12.66 5.45
N ASN A 133 3.20 13.96 5.78
CA ASN A 133 3.33 14.43 7.17
C ASN A 133 1.97 14.84 7.74
N PHE A 134 0.90 14.62 6.98
CA PHE A 134 -0.46 14.57 7.56
C PHE A 134 -1.03 13.14 7.62
N LEU A 135 -1.49 12.75 8.80
CA LEU A 135 -1.97 11.40 9.11
C LEU A 135 -3.32 11.40 9.86
N MET A 136 -4.13 10.40 9.58
CA MET A 136 -5.39 10.28 10.26
C MET A 136 -5.13 9.36 11.43
N GLY A 137 -5.81 9.60 12.54
CA GLY A 137 -5.71 8.75 13.72
C GLY A 137 -6.50 7.48 13.49
N LEU A 138 -6.46 6.62 14.50
CA LEU A 138 -7.13 5.33 14.44
C LEU A 138 -8.35 5.33 15.33
N GLY A 139 -9.37 4.58 14.92
CA GLY A 139 -10.54 4.35 15.76
C GLY A 139 -11.20 5.63 16.22
N LYS A 140 -11.15 5.90 17.52
CA LYS A 140 -11.81 7.05 18.12
C LYS A 140 -11.40 8.37 17.49
N LYS A 141 -10.10 8.48 17.18
CA LYS A 141 -9.51 9.71 16.66
C LYS A 141 -9.31 9.61 15.15
N GLY A 142 -10.30 9.02 14.47
CA GLY A 142 -10.21 8.69 13.06
C GLY A 142 -10.56 9.79 12.08
N ASN A 143 -11.30 10.81 12.53
CA ASN A 143 -11.64 11.94 11.68
C ASN A 143 -10.82 13.14 12.11
N LEU A 144 -9.53 12.90 12.36
CA LEU A 144 -8.66 13.88 13.00
C LEU A 144 -7.29 13.78 12.31
N VAL A 145 -6.91 14.82 11.60
CA VAL A 145 -5.64 14.85 10.90
C VAL A 145 -4.52 15.16 11.93
N TYR A 146 -3.53 14.27 12.09
CA TYR A 146 -2.32 14.60 12.86
C TYR A 146 -1.22 15.15 11.96
N ILE A 147 -0.26 15.91 12.53
CA ILE A 147 1.00 16.29 11.85
C ILE A 147 2.24 15.58 12.43
N ILE A 148 3.17 15.22 11.55
CA ILE A 148 4.36 14.45 11.92
C ILE A 148 5.65 15.00 11.23
N ASP A 149 6.78 14.41 11.59
CA ASP A 149 8.10 14.75 11.04
C ASP A 149 8.51 16.20 11.33
N PHE A 150 8.97 16.43 12.55
CA PHE A 150 9.54 17.70 12.96
C PHE A 150 11.06 17.59 12.85
N GLY A 151 11.52 17.02 11.73
CA GLY A 151 12.92 16.75 11.53
C GLY A 151 13.62 17.89 10.83
N LEU A 152 12.85 18.75 10.15
CA LEU A 152 13.37 19.98 9.51
C LEU A 152 12.82 21.28 10.13
N ALA A 153 11.98 21.12 11.14
CA ALA A 153 11.32 22.26 11.77
C ALA A 153 12.33 23.04 12.55
N LYS A 154 12.10 24.32 12.77
CA LYS A 154 12.94 25.07 13.70
C LYS A 154 12.23 26.26 14.31
N LYS A 155 12.85 26.80 15.35
CA LYS A 155 12.36 28.01 15.99
C LYS A 155 12.41 29.15 14.99
N TYR A 156 11.32 29.87 14.85
CA TYR A 156 11.32 31.11 14.11
C TYR A 156 11.29 32.33 15.02
N ARG A 157 11.08 32.14 16.34
CA ARG A 157 11.13 33.26 17.30
C ARG A 157 11.43 32.79 18.71
N ASP A 158 12.04 33.68 19.48
CA ASP A 158 12.60 33.40 20.83
C ASP A 158 11.43 33.09 21.75
N ALA A 159 11.60 32.10 22.61
CA ALA A 159 10.45 31.60 23.36
C ALA A 159 10.03 32.66 24.36
N ARG A 160 11.00 33.46 24.82
CA ARG A 160 10.74 34.46 25.84
C ARG A 160 10.26 35.83 25.27
N THR A 161 10.98 36.42 24.33
CA THR A 161 10.64 37.76 23.84
C THR A 161 9.69 37.76 22.65
N HIS A 162 9.51 36.58 22.03
CA HIS A 162 8.86 36.49 20.72
C HIS A 162 9.55 37.36 19.64
N GLN A 163 10.84 37.64 19.82
CA GLN A 163 11.61 38.38 18.81
C GLN A 163 11.72 37.44 17.63
N HIS A 164 11.41 37.93 16.44
CA HIS A 164 11.42 37.09 15.25
C HIS A 164 12.86 36.81 14.89
N ILE A 165 13.12 35.68 14.26
CA ILE A 165 14.45 35.45 13.73
C ILE A 165 14.76 36.51 12.65
N PRO A 166 16.07 36.83 12.43
CA PRO A 166 16.42 37.79 11.41
C PRO A 166 16.15 37.30 9.99
N TYR A 167 15.74 38.23 9.12
CA TYR A 167 15.68 37.98 7.68
C TYR A 167 17.09 37.81 7.12
N ARG A 168 17.25 36.84 6.23
CA ARG A 168 18.50 36.69 5.51
C ARG A 168 18.30 35.95 4.19
N GLU A 169 19.37 35.55 3.52
CA GLU A 169 19.28 35.06 2.14
C GLU A 169 20.28 33.91 1.94
N ASN A 170 20.38 33.41 0.71
CA ASN A 170 21.30 32.32 0.38
C ASN A 170 21.11 31.05 1.21
N LYS A 171 19.90 30.77 1.62
CA LYS A 171 19.59 29.54 2.32
C LYS A 171 19.53 28.39 1.31
N ASN A 172 19.96 27.18 1.70
CA ASN A 172 19.74 26.01 0.85
C ASN A 172 18.28 25.60 0.84
N LEU A 173 17.90 24.81 -0.16
CA LEU A 173 16.61 24.14 -0.16
C LEU A 173 16.47 23.33 1.14
N THR A 174 15.30 23.42 1.75
CA THR A 174 14.92 22.62 2.90
C THR A 174 13.43 22.41 2.68
N GLY A 175 13.01 21.15 2.76
CA GLY A 175 11.65 20.79 2.37
C GLY A 175 11.59 20.23 0.97
N THR A 176 10.44 19.69 0.62
CA THR A 176 10.23 19.03 -0.65
C THR A 176 10.05 20.08 -1.75
N ALA A 177 10.87 19.99 -2.79
CA ALA A 177 10.79 20.90 -3.92
C ALA A 177 9.35 21.17 -4.35
N ARG A 178 8.60 20.11 -4.62
CA ARG A 178 7.25 20.24 -5.15
C ARG A 178 6.36 21.25 -4.41
N TYR A 179 6.46 21.37 -3.10
CA TYR A 179 5.51 22.20 -2.36
C TYR A 179 6.15 23.43 -1.72
N ALA A 180 7.43 23.70 -1.99
CA ALA A 180 8.17 24.81 -1.41
C ALA A 180 7.49 26.14 -1.71
N SER A 181 7.73 27.15 -0.89
CA SER A 181 7.30 28.51 -1.22
C SER A 181 8.11 29.11 -2.36
N ILE A 182 7.57 30.11 -3.07
CA ILE A 182 8.39 30.85 -4.04
C ILE A 182 9.66 31.31 -3.33
N ASN A 183 9.53 31.81 -2.10
CA ASN A 183 10.68 32.44 -1.42
C ASN A 183 11.81 31.47 -1.10
N THR A 184 11.44 30.22 -0.81
CA THR A 184 12.38 29.17 -0.48
C THR A 184 13.19 28.77 -1.71
N HIS A 185 12.51 28.76 -2.84
CA HIS A 185 13.14 28.50 -4.11
C HIS A 185 14.19 29.55 -4.45
N LEU A 186 13.98 30.76 -3.92
CA LEU A 186 14.88 31.91 -4.11
C LEU A 186 15.96 32.05 -3.02
N GLY A 187 15.91 31.22 -1.99
CA GLY A 187 16.93 31.24 -0.95
C GLY A 187 16.63 32.09 0.27
N ILE A 188 15.39 32.56 0.40
CA ILE A 188 14.99 33.35 1.55
C ILE A 188 14.71 32.46 2.76
N GLU A 189 15.18 32.90 3.92
CA GLU A 189 14.87 32.25 5.19
C GLU A 189 13.38 31.99 5.36
N GLN A 190 13.04 30.79 5.83
CA GLN A 190 11.67 30.36 5.92
C GLN A 190 10.97 30.95 7.15
N SER A 191 9.70 31.38 7.02
CA SER A 191 8.91 31.79 8.18
C SER A 191 7.51 31.22 8.09
N ARG A 192 6.61 31.70 8.93
CA ARG A 192 5.24 31.16 9.03
C ARG A 192 4.51 31.20 7.70
N ARG A 193 4.50 32.38 7.08
CA ARG A 193 3.97 32.51 5.73
C ARG A 193 4.31 31.28 4.87
N ASP A 194 5.55 30.84 4.94
CA ASP A 194 6.03 29.80 4.05
C ASP A 194 5.38 28.45 4.33
N ASP A 195 5.13 28.14 5.61
CA ASP A 195 4.42 26.92 5.96
C ASP A 195 3.01 26.95 5.35
N LEU A 196 2.29 28.05 5.48
CA LEU A 196 0.91 28.11 4.99
C LEU A 196 0.86 28.16 3.46
N GLU A 197 1.83 28.79 2.80
CA GLU A 197 1.89 28.76 1.34
C GLU A 197 2.11 27.35 0.81
N SER A 198 2.78 26.49 1.58
CA SER A 198 2.96 25.10 1.16
C SER A 198 1.68 24.33 1.31
N LEU A 199 0.98 24.53 2.40
CA LEU A 199 -0.39 24.03 2.49
C LEU A 199 -1.21 24.38 1.25
N GLY A 200 -1.06 25.62 0.80
CA GLY A 200 -1.71 26.06 -0.41
C GLY A 200 -1.49 25.15 -1.60
N TYR A 201 -0.25 24.77 -1.84
CA TYR A 201 0.08 23.85 -2.92
C TYR A 201 -0.42 22.41 -2.63
N VAL A 202 -0.30 21.96 -1.39
CA VAL A 202 -0.96 20.70 -0.98
C VAL A 202 -2.47 20.70 -1.35
N LEU A 203 -3.18 21.80 -1.05
CA LEU A 203 -4.63 21.87 -1.37
C LEU A 203 -4.93 21.83 -2.90
N MET A 204 -4.22 22.64 -3.68
CA MET A 204 -4.32 22.54 -5.15
C MET A 204 -3.88 21.17 -5.72
N TYR A 205 -2.78 20.63 -5.24
CA TYR A 205 -2.41 19.24 -5.58
C TYR A 205 -3.58 18.28 -5.37
N PHE A 206 -4.29 18.39 -4.25
CA PHE A 206 -5.45 17.52 -3.95
C PHE A 206 -6.62 17.72 -4.93
N ASN A 207 -6.70 18.91 -5.53
CA ASN A 207 -7.73 19.26 -6.49
C ASN A 207 -7.36 18.90 -7.93
N LEU A 208 -6.12 19.21 -8.33
CA LEU A 208 -5.63 18.95 -9.69
C LEU A 208 -5.28 17.49 -9.96
N GLY A 209 -4.91 16.75 -8.93
CA GLY A 209 -4.32 15.43 -9.14
C GLY A 209 -2.80 15.52 -9.19
N SER A 210 -2.29 16.65 -9.67
CA SER A 210 -0.84 16.90 -9.76
C SER A 210 -0.59 18.38 -10.12
N LEU A 211 0.40 18.97 -9.49
CA LEU A 211 0.78 20.34 -9.77
C LEU A 211 1.47 20.38 -11.12
N PRO A 212 1.53 21.57 -11.77
CA PRO A 212 2.08 21.68 -13.14
C PRO A 212 3.63 21.74 -13.24
N TRP A 213 4.28 21.99 -12.12
CA TRP A 213 5.76 21.87 -11.97
C TRP A 213 6.19 20.45 -11.47
N GLN A 214 5.22 19.55 -11.28
CA GLN A 214 5.46 18.12 -11.03
C GLN A 214 5.85 17.36 -12.29
N GLY A 215 6.72 16.36 -12.14
CA GLY A 215 6.99 15.43 -13.22
C GLY A 215 7.61 16.04 -14.48
N LEU A 216 8.55 16.96 -14.27
CA LEU A 216 9.48 17.41 -15.33
C LEU A 216 10.67 16.41 -15.33
N LYS A 217 11.60 16.48 -16.28
CA LYS A 217 12.69 15.47 -16.36
C LYS A 217 14.09 15.98 -16.78
N ALA A 218 14.95 16.22 -15.77
CA ALA A 218 16.33 16.73 -15.99
C ALA A 218 17.42 15.67 -15.80
N ALA A 219 18.64 16.01 -16.25
CA ALA A 219 19.83 15.16 -16.05
C ALA A 219 21.11 16.02 -15.95
N LYS A 224 19.47 20.63 -12.94
CA LYS A 224 19.03 20.21 -11.60
C LYS A 224 17.50 20.38 -11.44
N TYR A 225 17.07 20.68 -10.21
CA TYR A 225 15.68 21.08 -9.91
C TYR A 225 15.41 22.57 -10.21
N GLU A 226 16.37 23.29 -10.81
CA GLU A 226 16.10 24.64 -11.34
C GLU A 226 14.71 24.66 -11.98
N ARG A 227 14.53 23.82 -12.99
CA ARG A 227 13.26 23.63 -13.72
C ARG A 227 11.97 23.72 -12.87
N ILE A 228 11.87 22.94 -11.78
CA ILE A 228 10.71 23.03 -10.87
C ILE A 228 10.50 24.49 -10.47
N SER A 229 11.55 25.06 -9.87
CA SER A 229 11.51 26.41 -9.37
C SER A 229 10.89 27.35 -10.39
N GLU A 230 11.41 27.33 -11.62
CA GLU A 230 11.06 28.31 -12.65
C GLU A 230 9.57 28.25 -13.01
N LYS A 231 9.05 27.04 -13.20
CA LYS A 231 7.63 26.88 -13.58
C LYS A 231 6.66 27.14 -12.41
N LYS A 232 7.11 26.94 -11.17
CA LYS A 232 6.30 27.31 -10.00
C LYS A 232 6.18 28.83 -9.94
N MET A 233 7.33 29.51 -10.09
CA MET A 233 7.42 30.99 -10.11
C MET A 233 6.80 31.66 -11.35
N SER A 234 6.66 30.91 -12.44
CA SER A 234 6.10 31.45 -13.70
C SER A 234 4.61 31.20 -13.84
N THR A 235 4.06 30.30 -13.03
CA THR A 235 2.65 29.90 -13.14
C THR A 235 1.77 30.97 -12.49
N PRO A 236 1.01 31.73 -13.32
CA PRO A 236 0.07 32.65 -12.67
C PRO A 236 -0.96 31.91 -11.81
N ILE A 237 -1.14 32.34 -10.56
CA ILE A 237 -2.08 31.71 -9.64
C ILE A 237 -3.45 31.47 -10.29
N GLU A 238 -3.95 32.46 -11.02
CA GLU A 238 -5.22 32.37 -11.71
C GLU A 238 -5.29 31.16 -12.62
N VAL A 239 -4.15 30.73 -13.15
CA VAL A 239 -4.08 29.58 -14.08
C VAL A 239 -3.94 28.24 -13.37
N LEU A 240 -3.25 28.25 -12.26
CA LEU A 240 -3.12 27.05 -11.41
C LEU A 240 -4.47 26.69 -10.82
N CYS A 241 -5.22 27.70 -10.39
CA CYS A 241 -6.48 27.50 -9.70
C CYS A 241 -7.70 27.54 -10.61
N LYS A 242 -7.50 27.74 -11.91
CA LYS A 242 -8.62 27.80 -12.85
C LYS A 242 -9.51 26.57 -12.72
N GLY A 243 -10.83 26.77 -12.82
CA GLY A 243 -11.78 25.67 -12.73
C GLY A 243 -11.97 25.17 -11.31
N TYR A 244 -11.48 25.94 -10.34
CA TYR A 244 -11.67 25.67 -8.92
C TYR A 244 -12.08 26.96 -8.21
N PRO A 245 -12.73 26.84 -7.04
CA PRO A 245 -13.27 28.04 -6.40
C PRO A 245 -12.19 29.12 -6.19
N SER A 246 -12.60 30.39 -6.29
CA SER A 246 -11.71 31.52 -6.08
C SER A 246 -10.94 31.44 -4.77
N GLU A 247 -11.59 30.87 -3.74
CA GLU A 247 -11.04 30.78 -2.41
C GLU A 247 -9.63 30.16 -2.39
N PHE A 248 -9.34 29.29 -3.35
CA PHE A 248 -8.02 28.67 -3.46
C PHE A 248 -6.99 29.66 -4.05
N ALA A 249 -7.41 30.53 -4.96
CA ALA A 249 -6.52 31.58 -5.43
C ALA A 249 -6.34 32.62 -4.32
N THR A 250 -7.42 32.91 -3.59
CA THR A 250 -7.36 33.93 -2.54
C THR A 250 -6.44 33.51 -1.41
N TYR A 251 -6.52 32.26 -1.00
CA TYR A 251 -5.63 31.75 0.06
C TYR A 251 -4.12 31.93 -0.32
N LEU A 252 -3.78 31.49 -1.52
CA LEU A 252 -2.39 31.47 -1.98
C LEU A 252 -1.84 32.86 -2.24
N ASN A 253 -2.62 33.74 -2.89
CA ASN A 253 -2.29 35.19 -3.03
C ASN A 253 -2.07 35.93 -1.70
N PHE A 254 -2.86 35.56 -0.69
CA PHE A 254 -2.71 36.07 0.69
C PHE A 254 -1.36 35.66 1.23
N CYS A 255 -1.03 34.37 1.08
CA CYS A 255 0.16 33.83 1.66
C CYS A 255 1.37 34.34 0.90
N ARG A 256 1.29 34.36 -0.42
CA ARG A 256 2.35 34.91 -1.26
C ARG A 256 2.54 36.41 -0.95
N SER A 257 1.49 37.06 -0.46
CA SER A 257 1.52 38.47 -0.15
C SER A 257 1.95 38.78 1.29
N LEU A 258 2.19 37.76 2.12
CA LEU A 258 2.60 38.00 3.52
C LEU A 258 4.04 38.51 3.59
N ARG A 259 4.40 39.14 4.70
CA ARG A 259 5.74 39.61 4.90
C ARG A 259 6.46 38.69 5.84
N PHE A 260 7.80 38.77 5.78
CA PHE A 260 8.66 37.82 6.41
C PHE A 260 8.27 37.52 7.83
N ASP A 261 8.05 38.55 8.66
CA ASP A 261 7.79 38.32 10.11
C ASP A 261 6.33 38.47 10.51
N ASP A 262 5.45 38.61 9.52
CA ASP A 262 4.05 38.83 9.82
C ASP A 262 3.43 37.64 10.47
N LYS A 263 2.56 37.91 11.46
CA LYS A 263 1.65 36.92 12.02
C LYS A 263 0.54 36.72 11.01
N PRO A 264 0.46 35.52 10.41
CA PRO A 264 -0.64 35.33 9.48
C PRO A 264 -1.96 35.32 10.22
N ASP A 265 -3.02 35.73 9.52
CA ASP A 265 -4.35 35.81 10.06
C ASP A 265 -5.00 34.45 9.83
N TYR A 266 -4.79 33.54 10.79
CA TYR A 266 -5.19 32.13 10.57
C TYR A 266 -6.70 31.94 10.65
N SER A 267 -7.39 32.83 11.36
CA SER A 267 -8.85 32.79 11.42
C SER A 267 -9.46 33.17 10.07
N TYR A 268 -8.81 34.09 9.35
CA TYR A 268 -9.30 34.59 8.07
C TYR A 268 -9.16 33.52 7.00
N LEU A 269 -8.02 32.85 6.98
CA LEU A 269 -7.77 31.82 5.98
C LEU A 269 -8.70 30.63 6.17
N ARG A 270 -8.88 30.18 7.40
CA ARG A 270 -9.89 29.16 7.62
C ARG A 270 -11.23 29.71 7.09
N GLN A 271 -11.52 30.96 7.42
CA GLN A 271 -12.84 31.51 7.14
C GLN A 271 -13.19 31.44 5.67
N LEU A 272 -12.19 31.68 4.80
CA LEU A 272 -12.37 31.53 3.35
C LEU A 272 -13.04 30.20 3.12
N PHE A 273 -12.45 29.17 3.76
CA PHE A 273 -12.80 27.80 3.45
C PHE A 273 -14.14 27.34 4.05
N ARG A 274 -14.38 27.62 5.33
CA ARG A 274 -15.67 27.28 5.97
C ARG A 274 -16.87 28.00 5.34
N ASN A 275 -16.68 29.26 4.90
CA ASN A 275 -17.75 29.99 4.21
C ASN A 275 -18.00 29.33 2.84
N LEU A 276 -16.94 28.96 2.12
CA LEU A 276 -17.11 28.23 0.86
C LEU A 276 -17.84 26.92 1.15
N PHE A 277 -17.37 26.24 2.21
CA PHE A 277 -17.96 24.98 2.67
C PHE A 277 -19.48 25.09 2.79
N HIS A 278 -19.96 25.91 3.72
CA HIS A 278 -21.42 26.02 3.98
C HIS A 278 -22.24 26.64 2.83
N ARG A 279 -21.58 27.31 1.88
CA ARG A 279 -22.24 27.87 0.71
C ARG A 279 -22.57 26.79 -0.32
N GLN A 280 -21.75 25.73 -0.30
CA GLN A 280 -21.92 24.62 -1.22
C GLN A 280 -22.97 23.64 -0.76
N GLY A 281 -23.28 23.66 0.53
CA GLY A 281 -24.28 22.75 1.11
C GLY A 281 -23.73 21.44 1.64
N PHE A 282 -22.46 21.37 2.00
CA PHE A 282 -21.88 20.17 2.64
C PHE A 282 -22.31 20.11 4.11
N SER A 283 -22.27 18.91 4.69
CA SER A 283 -22.57 18.74 6.12
C SER A 283 -21.29 18.32 6.80
N TYR A 284 -21.02 18.88 7.98
CA TYR A 284 -19.68 18.79 8.59
C TYR A 284 -19.64 17.56 9.49
N ASP A 285 -19.79 16.41 8.81
CA ASP A 285 -20.01 15.11 9.45
C ASP A 285 -18.76 14.24 9.38
N TYR A 286 -17.68 14.80 8.87
CA TYR A 286 -16.43 14.09 8.70
C TYR A 286 -16.56 12.81 7.83
N VAL A 287 -17.56 12.74 6.96
CA VAL A 287 -17.56 11.70 5.95
C VAL A 287 -16.60 12.18 4.83
N PHE A 288 -15.45 11.53 4.75
CA PHE A 288 -14.42 11.90 3.79
C PHE A 288 -14.65 11.08 2.51
N ASP A 289 -13.74 11.13 1.54
CA ASP A 289 -13.85 10.28 0.32
C ASP A 289 -13.44 8.83 0.55
N TRP A 290 -12.69 8.55 1.61
CA TRP A 290 -12.14 7.21 1.86
C TRP A 290 -12.94 6.51 2.93
N ASN A 291 -14.17 7.00 3.15
CA ASN A 291 -15.03 6.66 4.28
CA ASN A 291 -14.90 6.63 4.36
C ASN A 291 -15.44 5.19 4.39
N MET A 292 -15.40 4.44 3.29
CA MET A 292 -15.75 3.03 3.43
C MET A 292 -14.59 2.12 3.90
N LEU A 293 -13.58 2.70 4.56
CA LEU A 293 -12.50 1.91 5.19
C LEU A 293 -12.71 1.61 6.70
N LYS A 294 -12.07 0.53 7.17
CA LYS A 294 -12.21 0.06 8.55
CA LYS A 294 -12.22 0.08 8.56
C LYS A 294 -11.08 0.61 9.45
N PHE A 295 -10.96 1.95 9.54
CA PHE A 295 -9.89 2.63 10.32
C PHE A 295 -9.88 2.26 11.81
N MET B 1 -22.59 11.96 -5.97
CA MET B 1 -23.71 11.15 -6.49
C MET B 1 -23.41 9.71 -6.05
N GLU B 2 -24.37 9.09 -5.36
CA GLU B 2 -24.23 7.70 -4.90
C GLU B 2 -24.68 6.66 -5.95
N LEU B 3 -24.12 5.46 -5.90
CA LEU B 3 -24.34 4.48 -6.98
C LEU B 3 -24.50 3.06 -6.46
N ARG B 4 -25.72 2.54 -6.52
CA ARG B 4 -26.03 1.17 -6.11
C ARG B 4 -26.12 0.25 -7.33
N VAL B 5 -25.05 -0.50 -7.57
CA VAL B 5 -25.03 -1.56 -8.59
C VAL B 5 -25.80 -2.81 -8.12
N GLY B 6 -26.62 -3.35 -9.02
CA GLY B 6 -27.72 -4.23 -8.62
C GLY B 6 -28.61 -3.27 -7.90
N ASN B 7 -29.26 -3.70 -6.82
CA ASN B 7 -29.90 -2.75 -5.91
C ASN B 7 -29.11 -2.65 -4.61
N ARG B 8 -28.13 -3.54 -4.43
CA ARG B 8 -27.66 -3.93 -3.11
C ARG B 8 -26.24 -3.47 -2.78
N TYR B 9 -25.44 -3.15 -3.79
CA TYR B 9 -23.99 -2.96 -3.62
C TYR B 9 -23.48 -1.56 -4.01
N ARG B 10 -22.93 -0.85 -3.04
CA ARG B 10 -22.44 0.52 -3.20
C ARG B 10 -21.01 0.47 -3.72
N LEU B 11 -20.79 1.04 -4.91
CA LEU B 11 -19.47 1.01 -5.53
C LEU B 11 -18.56 2.00 -4.82
N GLY B 12 -17.26 1.71 -4.77
CA GLY B 12 -16.27 2.59 -4.11
C GLY B 12 -14.97 2.55 -4.88
N ASN B 13 -13.85 2.74 -4.18
CA ASN B 13 -12.55 2.94 -4.85
C ASN B 13 -11.88 1.66 -5.37
N LYS B 14 -11.12 1.79 -6.46
CA LYS B 14 -10.37 0.69 -7.04
C LYS B 14 -9.31 0.18 -6.08
N ILE B 15 -9.30 -1.14 -5.88
CA ILE B 15 -8.27 -1.81 -5.06
C ILE B 15 -7.56 -2.93 -5.81
N GLY B 16 -7.75 -3.05 -7.11
CA GLY B 16 -7.11 -4.19 -7.82
C GLY B 16 -7.31 -4.25 -9.31
N SER B 17 -6.36 -4.87 -10.00
CA SER B 17 -6.47 -5.18 -11.40
C SER B 17 -5.82 -6.51 -11.59
N GLY B 18 -6.59 -7.51 -12.04
CA GLY B 18 -6.01 -8.80 -12.44
C GLY B 18 -5.66 -8.93 -13.92
N SER B 19 -5.75 -10.15 -14.42
CA SER B 19 -5.46 -10.46 -15.81
C SER B 19 -6.28 -9.57 -16.77
N PHE B 20 -7.53 -9.33 -16.38
CA PHE B 20 -8.51 -8.49 -17.12
C PHE B 20 -9.44 -7.80 -16.12
N GLY B 21 -10.09 -6.74 -16.56
CA GLY B 21 -11.05 -6.03 -15.70
C GLY B 21 -10.38 -5.39 -14.49
N ASP B 22 -11.21 -4.86 -13.60
CA ASP B 22 -10.70 -4.21 -12.39
C ASP B 22 -11.56 -4.54 -11.15
N ILE B 23 -10.97 -4.41 -9.97
CA ILE B 23 -11.66 -4.72 -8.75
C ILE B 23 -11.80 -3.47 -7.89
N TYR B 24 -13.01 -3.25 -7.37
CA TYR B 24 -13.32 -2.08 -6.52
C TYR B 24 -13.92 -2.51 -5.17
N LEU B 25 -13.55 -1.82 -4.09
CA LEU B 25 -14.21 -2.03 -2.81
C LEU B 25 -15.64 -1.60 -3.00
N GLY B 26 -16.57 -2.38 -2.44
CA GLY B 26 -17.97 -1.98 -2.38
C GLY B 26 -18.60 -2.49 -1.10
N THR B 27 -19.73 -1.89 -0.73
CA THR B 27 -20.44 -2.26 0.49
C THR B 27 -21.84 -2.86 0.24
N ASP B 28 -22.10 -4.00 0.87
CA ASP B 28 -23.39 -4.70 0.82
C ASP B 28 -24.33 -3.98 1.80
N ILE B 29 -24.86 -2.85 1.36
CA ILE B 29 -25.73 -1.98 2.18
C ILE B 29 -26.60 -2.75 3.15
N ALA B 30 -27.28 -3.79 2.64
CA ALA B 30 -28.30 -4.53 3.38
C ALA B 30 -27.70 -5.33 4.52
N ALA B 31 -26.66 -6.09 4.22
CA ALA B 31 -26.02 -6.96 5.21
C ALA B 31 -24.94 -6.23 6.06
N GLY B 32 -24.68 -4.95 5.75
CA GLY B 32 -23.79 -4.12 6.57
C GLY B 32 -22.32 -4.52 6.50
N GLU B 33 -21.99 -5.44 5.62
CA GLU B 33 -20.63 -5.94 5.48
C GLU B 33 -20.04 -5.44 4.14
N GLU B 34 -18.77 -5.75 3.88
CA GLU B 34 -18.03 -5.18 2.76
C GLU B 34 -17.69 -6.27 1.71
N VAL B 35 -17.58 -5.89 0.45
CA VAL B 35 -17.45 -6.84 -0.66
C VAL B 35 -16.45 -6.29 -1.65
N ALA B 36 -16.08 -7.10 -2.62
CA ALA B 36 -15.19 -6.69 -3.69
C ALA B 36 -15.93 -6.92 -4.96
N ILE B 37 -15.77 -6.02 -5.93
CA ILE B 37 -16.69 -5.90 -7.04
C ILE B 37 -15.88 -5.81 -8.31
N LYS B 38 -15.93 -6.86 -9.14
CA LYS B 38 -15.17 -6.89 -10.39
C LYS B 38 -15.96 -6.19 -11.49
N LEU B 39 -15.28 -5.47 -12.38
CA LEU B 39 -15.94 -4.79 -13.50
C LEU B 39 -15.23 -5.03 -14.82
N GLU B 40 -16.01 -5.27 -15.87
CA GLU B 40 -15.51 -5.43 -17.23
C GLU B 40 -16.44 -4.64 -18.12
N CYS B 41 -15.92 -4.08 -19.21
CA CYS B 41 -16.75 -3.37 -20.19
C CYS B 41 -17.49 -4.31 -21.15
N VAL B 42 -18.79 -4.07 -21.33
CA VAL B 42 -19.62 -4.90 -22.18
C VAL B 42 -19.03 -5.00 -23.57
N LYS B 43 -18.67 -3.83 -24.12
CA LYS B 43 -18.02 -3.69 -25.43
C LYS B 43 -16.48 -4.02 -25.44
N THR B 44 -15.97 -4.79 -24.48
CA THR B 44 -14.57 -5.21 -24.53
C THR B 44 -14.30 -6.26 -25.61
N LYS B 45 -13.12 -6.17 -26.23
CA LYS B 45 -12.72 -7.03 -27.36
C LYS B 45 -12.75 -8.52 -27.03
N HIS B 46 -12.38 -8.87 -25.80
CA HIS B 46 -12.27 -10.29 -25.42
C HIS B 46 -12.97 -10.56 -24.11
N PRO B 47 -14.32 -10.67 -24.14
CA PRO B 47 -15.15 -10.81 -22.92
C PRO B 47 -14.87 -12.06 -22.11
N GLN B 48 -14.58 -11.87 -20.82
CA GLN B 48 -14.33 -12.99 -19.93
C GLN B 48 -14.95 -12.92 -18.53
N LEU B 49 -15.79 -11.94 -18.23
CA LEU B 49 -16.32 -11.88 -16.87
C LEU B 49 -17.39 -12.95 -16.65
N HIS B 50 -18.27 -13.12 -17.65
CA HIS B 50 -19.28 -14.17 -17.62
C HIS B 50 -18.57 -15.52 -17.46
N ILE B 51 -17.46 -15.72 -18.17
CA ILE B 51 -16.71 -16.97 -18.11
C ILE B 51 -16.05 -17.20 -16.76
N GLU B 52 -15.53 -16.15 -16.17
CA GLU B 52 -14.79 -16.34 -14.94
C GLU B 52 -15.80 -16.67 -13.86
N SER B 53 -16.92 -15.98 -13.90
CA SER B 53 -18.01 -16.21 -12.97
C SER B 53 -18.54 -17.64 -12.99
N LYS B 54 -18.44 -18.34 -14.12
CA LYS B 54 -18.93 -19.73 -14.17
C LYS B 54 -17.96 -20.64 -13.43
N ILE B 55 -16.68 -20.38 -13.62
CA ILE B 55 -15.66 -21.11 -12.93
C ILE B 55 -15.80 -20.91 -11.41
N TYR B 56 -16.02 -19.69 -10.93
CA TYR B 56 -16.21 -19.46 -9.48
C TYR B 56 -17.48 -20.10 -8.98
N LYS B 57 -18.52 -20.13 -9.81
CA LYS B 57 -19.84 -20.64 -9.40
C LYS B 57 -19.77 -22.15 -9.19
N MET B 58 -18.94 -22.80 -9.99
CA MET B 58 -18.80 -24.22 -9.94
C MET B 58 -17.77 -24.60 -8.89
N MET B 59 -16.80 -23.71 -8.66
CA MET B 59 -15.81 -23.95 -7.63
C MET B 59 -16.33 -23.53 -6.27
N GLN B 60 -17.57 -23.05 -6.16
CA GLN B 60 -18.08 -22.60 -4.88
C GLN B 60 -18.12 -23.70 -3.84
N GLY B 61 -17.98 -23.32 -2.58
CA GLY B 61 -17.85 -24.29 -1.48
C GLY B 61 -16.57 -25.11 -1.57
N GLY B 62 -15.52 -24.53 -2.15
CA GLY B 62 -14.18 -25.08 -2.05
C GLY B 62 -13.47 -24.27 -0.98
N VAL B 63 -12.66 -24.90 -0.15
CA VAL B 63 -11.89 -24.13 0.84
C VAL B 63 -11.03 -23.12 0.08
N GLY B 64 -10.95 -21.91 0.62
CA GLY B 64 -10.09 -20.88 0.04
C GLY B 64 -10.46 -20.42 -1.35
N ILE B 65 -11.73 -20.55 -1.71
CA ILE B 65 -12.26 -20.04 -2.94
C ILE B 65 -13.26 -18.97 -2.56
N PRO B 66 -13.17 -17.77 -3.17
CA PRO B 66 -14.06 -16.70 -2.78
C PRO B 66 -15.48 -16.96 -3.18
N THR B 67 -16.42 -16.53 -2.33
CA THR B 67 -17.83 -16.70 -2.59
C THR B 67 -18.35 -15.73 -3.64
N ILE B 68 -19.13 -16.24 -4.60
CA ILE B 68 -19.85 -15.42 -5.61
C ILE B 68 -21.05 -14.83 -4.91
N ARG B 69 -21.17 -13.50 -4.93
CA ARG B 69 -22.30 -12.84 -4.30
C ARG B 69 -23.37 -12.52 -5.32
N TRP B 70 -22.98 -11.96 -6.46
CA TRP B 70 -23.93 -11.40 -7.42
C TRP B 70 -23.31 -11.13 -8.79
N CYS B 71 -24.14 -11.27 -9.82
CA CYS B 71 -23.71 -11.19 -11.19
C CYS B 71 -24.80 -10.46 -11.96
N GLY B 72 -24.41 -9.51 -12.81
CA GLY B 72 -25.35 -8.85 -13.74
C GLY B 72 -24.63 -7.80 -14.53
N ALA B 73 -25.35 -7.16 -15.46
CA ALA B 73 -24.85 -6.00 -16.20
C ALA B 73 -25.46 -4.71 -15.65
N GLU B 74 -24.75 -3.62 -15.85
CA GLU B 74 -25.15 -2.30 -15.40
C GLU B 74 -24.44 -1.29 -16.29
N GLY B 75 -25.18 -0.36 -16.88
CA GLY B 75 -24.55 0.62 -17.76
C GLY B 75 -23.69 -0.06 -18.82
N ASP B 76 -22.46 0.43 -18.99
CA ASP B 76 -21.53 -0.11 -19.97
C ASP B 76 -20.75 -1.35 -19.46
N TYR B 77 -21.10 -1.87 -18.28
CA TYR B 77 -20.26 -2.85 -17.57
C TYR B 77 -20.94 -4.20 -17.32
N ASN B 78 -20.12 -5.25 -17.14
CA ASN B 78 -20.57 -6.50 -16.49
C ASN B 78 -20.01 -6.48 -15.08
N VAL B 79 -20.75 -6.97 -14.11
CA VAL B 79 -20.31 -6.90 -12.73
C VAL B 79 -20.33 -8.25 -12.12
N MET B 80 -19.33 -8.57 -11.32
CA MET B 80 -19.36 -9.78 -10.52
C MET B 80 -19.00 -9.33 -9.13
N VAL B 81 -19.89 -9.53 -8.19
CA VAL B 81 -19.65 -9.02 -6.85
C VAL B 81 -19.20 -10.25 -6.09
N MET B 82 -18.09 -10.14 -5.33
CA MET B 82 -17.48 -11.27 -4.63
C MET B 82 -17.37 -11.03 -3.13
N GLU B 83 -16.91 -12.06 -2.42
CA GLU B 83 -16.44 -11.96 -1.04
C GLU B 83 -15.26 -11.04 -1.01
N LEU B 84 -15.20 -10.18 0.01
CA LEU B 84 -14.00 -9.36 0.20
C LEU B 84 -12.91 -10.20 0.86
N LEU B 85 -11.74 -10.21 0.25
CA LEU B 85 -10.61 -10.93 0.79
C LEU B 85 -9.58 -9.94 1.26
N GLY B 86 -8.66 -10.38 2.09
CA GLY B 86 -7.57 -9.54 2.51
C GLY B 86 -6.44 -9.58 1.50
N PRO B 87 -5.25 -9.09 1.90
CA PRO B 87 -4.16 -8.82 0.97
C PRO B 87 -3.43 -10.03 0.39
N SER B 88 -2.72 -9.79 -0.72
CA SER B 88 -2.04 -10.86 -1.42
C SER B 88 -0.76 -11.26 -0.73
N LEU B 89 -0.20 -12.38 -1.17
CA LEU B 89 1.04 -12.79 -0.56
C LEU B 89 2.13 -11.90 -1.09
N GLU B 90 1.98 -11.39 -2.31
CA GLU B 90 2.95 -10.42 -2.80
C GLU B 90 2.92 -9.20 -1.87
N ASP B 91 1.76 -8.68 -1.58
CA ASP B 91 1.66 -7.50 -0.72
C ASP B 91 2.33 -7.80 0.62
N LEU B 92 2.09 -8.97 1.17
CA LEU B 92 2.60 -9.32 2.49
C LEU B 92 4.11 -9.59 2.52
N PHE B 93 4.62 -10.32 1.52
CA PHE B 93 6.06 -10.48 1.34
C PHE B 93 6.79 -9.14 1.37
N ASN B 94 6.30 -8.16 0.61
CA ASN B 94 6.89 -6.82 0.59
C ASN B 94 6.89 -6.16 1.96
N PHE B 95 5.79 -6.28 2.68
CA PHE B 95 5.70 -5.76 4.04
C PHE B 95 6.72 -6.42 4.93
N CYS B 96 7.02 -7.68 4.67
CA CYS B 96 8.04 -8.40 5.43
C CYS B 96 9.45 -8.25 4.87
N SER B 97 9.69 -7.14 4.18
CA SER B 97 10.98 -6.81 3.58
C SER B 97 11.52 -7.97 2.75
N ARG B 98 10.65 -8.48 1.89
CA ARG B 98 10.94 -9.58 0.97
C ARG B 98 11.65 -10.76 1.65
N LYS B 99 11.20 -11.08 2.87
CA LYS B 99 11.73 -12.19 3.64
C LYS B 99 10.63 -12.92 4.37
N PHE B 100 10.46 -14.18 4.05
CA PHE B 100 9.53 -15.04 4.75
C PHE B 100 10.31 -16.15 5.45
N SER B 101 10.04 -16.34 6.75
CA SER B 101 10.62 -17.42 7.51
C SER B 101 10.24 -18.79 6.92
N LEU B 102 10.99 -19.82 7.26
CA LEU B 102 10.69 -21.18 6.83
C LEU B 102 9.30 -21.63 7.33
N LYS B 103 8.91 -21.29 8.57
CA LYS B 103 7.60 -21.71 9.08
C LYS B 103 6.49 -21.13 8.21
N THR B 104 6.67 -19.91 7.77
CA THR B 104 5.63 -19.24 6.99
C THR B 104 5.53 -19.80 5.58
N VAL B 105 6.68 -20.03 4.93
CA VAL B 105 6.72 -20.69 3.60
C VAL B 105 6.13 -22.09 3.62
N LEU B 106 6.26 -22.80 4.74
CA LEU B 106 5.72 -24.20 4.85
C LEU B 106 4.23 -24.18 5.18
N LEU B 107 3.87 -23.39 6.20
CA LEU B 107 2.51 -23.07 6.51
C LEU B 107 1.83 -22.60 5.21
N LEU B 108 2.50 -21.76 4.40
CA LEU B 108 1.86 -21.34 3.12
C LEU B 108 1.79 -22.48 2.11
N ALA B 109 2.90 -23.24 1.97
CA ALA B 109 3.00 -24.36 1.00
C ALA B 109 1.91 -25.39 1.16
N ASP B 110 1.57 -25.72 2.40
CA ASP B 110 0.55 -26.70 2.61
C ASP B 110 -0.74 -26.24 1.97
N GLN B 111 -1.21 -25.05 2.36
CA GLN B 111 -2.48 -24.55 1.84
C GLN B 111 -2.40 -24.37 0.29
N MET B 112 -1.27 -23.90 -0.23
CA MET B 112 -1.18 -23.67 -1.69
C MET B 112 -1.22 -24.98 -2.50
N ILE B 113 -0.72 -26.07 -1.96
CA ILE B 113 -0.81 -27.35 -2.63
C ILE B 113 -2.31 -27.74 -2.64
N SER B 114 -2.96 -27.65 -1.49
CA SER B 114 -4.38 -27.97 -1.48
C SER B 114 -5.25 -27.12 -2.44
N ARG B 115 -5.13 -25.78 -2.44
CA ARG B 115 -5.91 -24.97 -3.39
C ARG B 115 -5.78 -25.47 -4.82
N ILE B 116 -4.54 -25.67 -5.25
CA ILE B 116 -4.29 -26.08 -6.64
C ILE B 116 -4.95 -27.42 -6.85
N GLU B 117 -4.84 -28.31 -5.87
CA GLU B 117 -5.45 -29.60 -6.02
C GLU B 117 -6.95 -29.41 -6.16
N TYR B 118 -7.52 -28.58 -5.31
CA TYR B 118 -8.96 -28.34 -5.44
C TYR B 118 -9.31 -27.93 -6.86
N ILE B 119 -8.54 -26.98 -7.42
CA ILE B 119 -8.83 -26.45 -8.76
C ILE B 119 -8.77 -27.58 -9.74
N HIS B 120 -7.73 -28.41 -9.60
CA HIS B 120 -7.54 -29.56 -10.50
C HIS B 120 -8.64 -30.59 -10.31
N SER B 121 -9.23 -30.65 -9.13
CA SER B 121 -10.27 -31.65 -8.84
C SER B 121 -11.55 -31.22 -9.48
N LYS B 122 -11.63 -29.92 -9.79
CA LYS B 122 -12.75 -29.35 -10.55
C LYS B 122 -12.44 -29.16 -12.05
N ASN B 123 -11.32 -29.74 -12.50
CA ASN B 123 -11.02 -29.96 -13.92
C ASN B 123 -10.47 -28.75 -14.65
N PHE B 124 -9.87 -27.85 -13.89
CA PHE B 124 -9.22 -26.66 -14.43
C PHE B 124 -7.75 -26.61 -13.96
N ILE B 125 -6.90 -25.98 -14.77
CA ILE B 125 -5.58 -25.49 -14.37
C ILE B 125 -5.70 -23.97 -14.33
N HIS B 126 -5.00 -23.34 -13.38
CA HIS B 126 -5.00 -21.90 -13.20
C HIS B 126 -4.15 -21.22 -14.27
N ARG B 127 -2.93 -21.72 -14.47
CA ARG B 127 -1.93 -21.21 -15.45
C ARG B 127 -1.25 -19.89 -15.09
N ASP B 128 -1.48 -19.37 -13.90
CA ASP B 128 -0.79 -18.12 -13.48
C ASP B 128 -0.60 -18.14 -11.98
N VAL B 129 0.02 -19.21 -11.50
CA VAL B 129 0.26 -19.33 -10.10
C VAL B 129 1.39 -18.35 -9.85
N LYS B 130 1.24 -17.59 -8.77
CA LYS B 130 2.15 -16.50 -8.45
C LYS B 130 1.61 -15.79 -7.19
N PRO B 131 2.48 -15.04 -6.47
CA PRO B 131 2.05 -14.57 -5.15
C PRO B 131 0.96 -13.49 -5.11
N ASP B 132 0.75 -12.78 -6.23
CA ASP B 132 -0.39 -11.83 -6.39
C ASP B 132 -1.78 -12.50 -6.39
N ASN B 133 -1.83 -13.74 -6.85
CA ASN B 133 -3.06 -14.53 -6.92
C ASN B 133 -3.36 -15.38 -5.69
N PHE B 134 -2.57 -15.23 -4.63
CA PHE B 134 -2.91 -15.85 -3.36
C PHE B 134 -3.10 -14.76 -2.35
N LEU B 135 -4.31 -14.73 -1.79
CA LEU B 135 -4.73 -13.73 -0.84
C LEU B 135 -5.09 -14.37 0.47
N MET B 136 -4.78 -13.72 1.60
CA MET B 136 -5.30 -14.18 2.92
C MET B 136 -6.75 -13.74 3.11
N GLY B 137 -7.48 -14.41 4.01
CA GLY B 137 -8.87 -14.05 4.28
C GLY B 137 -9.02 -13.01 5.37
N LEU B 138 -10.25 -12.53 5.59
CA LEU B 138 -10.46 -11.40 6.49
C LEU B 138 -11.18 -11.87 7.71
N GLY B 139 -10.85 -11.24 8.84
CA GLY B 139 -11.46 -11.54 10.13
C GLY B 139 -11.47 -13.02 10.46
N LYS B 140 -12.66 -13.59 10.54
CA LYS B 140 -12.82 -15.02 10.81
C LYS B 140 -11.81 -15.87 10.06
N LYS B 141 -11.51 -15.49 8.82
CA LYS B 141 -10.83 -16.36 7.87
C LYS B 141 -9.42 -15.89 7.49
N GLY B 142 -8.76 -15.22 8.44
CA GLY B 142 -7.39 -14.72 8.25
C GLY B 142 -6.32 -15.79 8.29
N ASN B 143 -6.69 -16.97 8.75
CA ASN B 143 -5.84 -18.14 8.67
C ASN B 143 -5.84 -18.73 7.23
N LEU B 144 -6.88 -18.46 6.45
CA LEU B 144 -7.07 -19.12 5.14
C LEU B 144 -6.37 -18.46 3.95
N VAL B 145 -5.70 -19.28 3.15
CA VAL B 145 -5.10 -18.79 1.93
C VAL B 145 -6.13 -19.03 0.91
N TYR B 146 -6.47 -17.98 0.15
CA TYR B 146 -7.38 -18.06 -0.97
C TYR B 146 -6.65 -17.89 -2.28
N ILE B 147 -7.31 -18.31 -3.37
CA ILE B 147 -6.81 -18.18 -4.74
C ILE B 147 -7.78 -17.40 -5.65
N ILE B 148 -7.26 -16.53 -6.51
CA ILE B 148 -8.09 -15.71 -7.42
C ILE B 148 -7.64 -15.70 -8.90
N ASP B 149 -8.49 -15.10 -9.75
CA ASP B 149 -8.09 -14.72 -11.12
C ASP B 149 -8.02 -15.93 -12.08
N PHE B 150 -9.16 -16.33 -12.61
CA PHE B 150 -9.26 -17.45 -13.55
C PHE B 150 -9.53 -17.00 -14.98
N GLY B 151 -9.07 -15.78 -15.29
CA GLY B 151 -9.17 -15.21 -16.61
C GLY B 151 -8.24 -15.92 -17.57
N LEU B 152 -7.17 -16.50 -17.06
CA LEU B 152 -6.28 -17.32 -17.86
C LEU B 152 -6.48 -18.85 -17.61
N ALA B 153 -7.58 -19.25 -17.00
CA ALA B 153 -7.71 -20.64 -16.56
C ALA B 153 -8.33 -21.48 -17.69
N LYS B 154 -8.12 -22.79 -17.66
CA LYS B 154 -8.47 -23.69 -18.77
C LYS B 154 -8.94 -25.06 -18.30
N LYS B 155 -9.86 -25.67 -19.04
CA LYS B 155 -10.37 -26.98 -18.70
C LYS B 155 -9.37 -27.95 -19.25
N TYR B 156 -8.75 -28.74 -18.39
CA TYR B 156 -7.74 -29.71 -18.82
C TYR B 156 -8.31 -31.12 -18.93
N ARG B 157 -9.54 -31.32 -18.48
CA ARG B 157 -10.18 -32.62 -18.66
C ARG B 157 -11.71 -32.54 -18.65
N ASP B 158 -12.34 -33.57 -19.20
CA ASP B 158 -13.77 -33.68 -19.17
C ASP B 158 -14.22 -33.98 -17.73
N ALA B 159 -15.32 -33.37 -17.31
CA ALA B 159 -15.86 -33.55 -15.97
C ALA B 159 -16.43 -34.95 -15.86
N ARG B 160 -17.00 -35.40 -16.97
CA ARG B 160 -17.73 -36.66 -17.05
C ARG B 160 -16.78 -37.86 -17.10
N THR B 161 -15.88 -37.84 -18.08
CA THR B 161 -15.04 -38.98 -18.42
C THR B 161 -13.60 -38.88 -17.93
N HIS B 162 -13.24 -37.73 -17.35
CA HIS B 162 -11.83 -37.43 -17.04
C HIS B 162 -10.89 -37.67 -18.23
N GLN B 163 -11.38 -37.57 -19.46
CA GLN B 163 -10.50 -37.61 -20.63
C GLN B 163 -9.63 -36.35 -20.66
N HIS B 164 -8.34 -36.54 -20.90
CA HIS B 164 -7.40 -35.42 -20.83
C HIS B 164 -7.37 -34.65 -22.14
N ILE B 165 -7.27 -33.32 -22.04
CA ILE B 165 -6.98 -32.53 -23.23
C ILE B 165 -5.75 -33.16 -23.84
N PRO B 166 -5.56 -33.01 -25.15
CA PRO B 166 -4.41 -33.57 -25.85
C PRO B 166 -3.13 -32.72 -25.80
N TYR B 167 -1.98 -33.39 -25.80
CA TYR B 167 -0.69 -32.73 -25.95
C TYR B 167 -0.70 -31.76 -27.13
N ARG B 168 -0.12 -30.59 -26.95
CA ARG B 168 0.02 -29.60 -28.02
C ARG B 168 1.32 -28.90 -27.83
N GLU B 169 1.94 -28.52 -28.93
CA GLU B 169 3.17 -27.78 -28.91
C GLU B 169 2.95 -26.43 -29.57
N ASN B 170 3.97 -25.60 -29.48
CA ASN B 170 4.02 -24.28 -30.12
C ASN B 170 2.90 -23.39 -29.61
N LYS B 171 2.67 -23.42 -28.31
CA LYS B 171 1.78 -22.47 -27.64
C LYS B 171 2.54 -21.20 -27.30
N ASN B 172 1.84 -20.08 -27.28
CA ASN B 172 2.43 -18.85 -26.80
C ASN B 172 2.36 -18.84 -25.28
N LEU B 173 3.23 -18.08 -24.65
CA LEU B 173 3.23 -18.00 -23.21
C LEU B 173 1.88 -17.52 -22.66
N THR B 174 1.36 -18.27 -21.69
CA THR B 174 0.18 -17.89 -20.93
C THR B 174 0.61 -17.81 -19.46
N GLY B 175 0.49 -16.62 -18.87
CA GLY B 175 0.86 -16.39 -17.46
C GLY B 175 2.24 -15.80 -17.24
N THR B 176 2.59 -15.54 -15.98
CA THR B 176 3.82 -14.81 -15.69
C THR B 176 5.05 -15.63 -16.01
N ALA B 177 6.06 -14.99 -16.59
CA ALA B 177 7.25 -15.69 -17.05
C ALA B 177 8.19 -16.00 -15.90
N ARG B 178 8.22 -15.11 -14.91
CA ARG B 178 9.06 -15.30 -13.72
C ARG B 178 8.76 -16.65 -13.02
N TYR B 179 7.50 -17.08 -13.04
CA TYR B 179 7.14 -18.36 -12.39
C TYR B 179 6.68 -19.47 -13.36
N ALA B 180 6.84 -19.30 -14.66
CA ALA B 180 6.34 -20.31 -15.57
C ALA B 180 7.15 -21.58 -15.40
N SER B 181 6.60 -22.71 -15.87
CA SER B 181 7.34 -23.98 -15.93
C SER B 181 8.38 -24.02 -17.06
N ILE B 182 9.36 -24.91 -16.94
CA ILE B 182 10.32 -25.09 -18.02
C ILE B 182 9.59 -25.39 -19.33
N ASN B 183 8.62 -26.31 -19.30
CA ASN B 183 7.89 -26.73 -20.49
C ASN B 183 6.96 -25.64 -21.05
N THR B 184 6.38 -24.82 -20.18
CA THR B 184 5.59 -23.68 -20.67
C THR B 184 6.47 -22.79 -21.58
N HIS B 185 7.73 -22.60 -21.22
CA HIS B 185 8.67 -21.85 -22.05
C HIS B 185 8.93 -22.52 -23.39
N LEU B 186 8.92 -23.84 -23.40
CA LEU B 186 9.20 -24.61 -24.61
C LEU B 186 7.93 -24.68 -25.50
N GLY B 187 6.84 -24.14 -24.99
CA GLY B 187 5.63 -24.02 -25.77
C GLY B 187 4.83 -25.29 -25.84
N ILE B 188 4.93 -26.09 -24.77
CA ILE B 188 4.08 -27.24 -24.55
C ILE B 188 2.80 -26.84 -23.77
N GLU B 189 1.68 -27.44 -24.18
CA GLU B 189 0.40 -27.24 -23.51
C GLU B 189 0.58 -27.41 -22.02
N GLN B 190 -0.15 -26.63 -21.23
CA GLN B 190 0.01 -26.61 -19.77
C GLN B 190 -0.89 -27.65 -19.12
N SER B 191 -0.41 -28.33 -18.09
CA SER B 191 -1.23 -29.30 -17.38
C SER B 191 -1.10 -29.12 -15.87
N ARG B 192 -1.70 -30.02 -15.10
CA ARG B 192 -1.56 -29.99 -13.62
C ARG B 192 -0.13 -29.80 -13.08
N ARG B 193 0.82 -30.52 -13.67
CA ARG B 193 2.20 -30.47 -13.23
C ARG B 193 2.76 -29.04 -13.18
N ASP B 194 2.39 -28.27 -14.19
CA ASP B 194 2.87 -26.93 -14.42
C ASP B 194 2.41 -25.92 -13.32
N ASP B 195 1.20 -26.13 -12.79
CA ASP B 195 0.72 -25.34 -11.65
C ASP B 195 1.60 -25.56 -10.43
N LEU B 196 1.84 -26.84 -10.14
CA LEU B 196 2.75 -27.28 -9.09
C LEU B 196 4.22 -26.85 -9.27
N GLU B 197 4.74 -26.87 -10.49
CA GLU B 197 6.07 -26.35 -10.75
C GLU B 197 6.12 -24.86 -10.52
N SER B 198 5.15 -24.14 -11.10
CA SER B 198 5.07 -22.69 -10.89
C SER B 198 5.10 -22.40 -9.39
N LEU B 199 4.34 -23.18 -8.58
CA LEU B 199 4.30 -22.99 -7.13
C LEU B 199 5.65 -23.18 -6.48
N GLY B 200 6.41 -24.14 -7.01
CA GLY B 200 7.75 -24.43 -6.48
C GLY B 200 8.62 -23.20 -6.55
N TYR B 201 8.54 -22.48 -7.66
CA TYR B 201 9.29 -21.23 -7.83
C TYR B 201 8.75 -20.15 -6.91
N VAL B 202 7.45 -20.08 -6.73
CA VAL B 202 6.91 -19.14 -5.75
C VAL B 202 7.52 -19.44 -4.40
N LEU B 203 7.45 -20.71 -3.99
CA LEU B 203 8.00 -21.10 -2.68
C LEU B 203 9.47 -20.72 -2.52
N MET B 204 10.25 -20.88 -3.59
CA MET B 204 11.69 -20.65 -3.53
C MET B 204 12.00 -19.18 -3.56
N TYR B 205 11.06 -18.42 -4.10
CA TYR B 205 11.14 -16.98 -4.16
C TYR B 205 10.91 -16.49 -2.76
N PHE B 206 9.89 -17.05 -2.11
CA PHE B 206 9.63 -16.71 -0.73
C PHE B 206 10.85 -16.90 0.16
N ASN B 207 11.68 -17.91 -0.17
CA ASN B 207 12.92 -18.18 0.56
C ASN B 207 14.03 -17.20 0.21
N LEU B 208 14.25 -17.01 -1.09
CA LEU B 208 15.36 -16.24 -1.62
C LEU B 208 15.18 -14.74 -1.48
N GLY B 209 14.00 -14.23 -1.74
CA GLY B 209 13.81 -12.78 -1.84
C GLY B 209 13.51 -12.37 -3.27
N SER B 210 14.21 -13.01 -4.19
CA SER B 210 14.05 -12.79 -5.61
C SER B 210 14.52 -14.06 -6.25
N LEU B 211 13.98 -14.39 -7.41
CA LEU B 211 14.47 -15.54 -8.12
C LEU B 211 15.66 -15.10 -8.93
N PRO B 212 16.55 -16.06 -9.30
CA PRO B 212 17.73 -15.79 -10.12
C PRO B 212 17.43 -15.16 -11.47
N TRP B 213 16.34 -15.60 -12.11
CA TRP B 213 16.00 -15.12 -13.46
C TRP B 213 15.16 -13.83 -13.47
N GLN B 214 15.23 -13.03 -12.42
CA GLN B 214 14.51 -11.74 -12.39
C GLN B 214 15.51 -10.60 -12.24
N GLY B 215 15.10 -9.41 -12.66
CA GLY B 215 15.94 -8.23 -12.64
C GLY B 215 16.69 -8.03 -13.94
N LEU B 216 16.71 -9.06 -14.79
CA LEU B 216 17.53 -9.06 -16.01
C LEU B 216 17.10 -8.03 -17.09
N LYS B 217 18.10 -7.46 -17.76
CA LYS B 217 17.88 -6.53 -18.87
C LYS B 217 17.42 -7.27 -20.11
N LYS B 224 12.44 -10.61 -26.16
CA LYS B 224 13.38 -9.96 -25.24
C LYS B 224 13.13 -10.37 -23.77
N TYR B 225 12.12 -11.20 -23.56
CA TYR B 225 12.03 -12.04 -22.36
C TYR B 225 12.83 -13.32 -22.53
N GLU B 226 13.31 -13.58 -23.74
CA GLU B 226 14.06 -14.80 -24.04
C GLU B 226 15.16 -15.08 -23.00
N ARG B 227 15.76 -14.01 -22.46
CA ARG B 227 16.75 -14.16 -21.40
C ARG B 227 16.18 -14.71 -20.06
N ILE B 228 14.96 -14.32 -19.67
CA ILE B 228 14.33 -14.97 -18.50
C ILE B 228 14.35 -16.48 -18.70
N SER B 229 13.83 -16.90 -19.84
CA SER B 229 13.76 -18.32 -20.21
C SER B 229 15.12 -19.00 -20.16
N GLU B 230 16.07 -18.51 -20.94
CA GLU B 230 17.38 -19.18 -21.03
C GLU B 230 18.20 -19.17 -19.71
N LYS B 231 17.88 -18.28 -18.77
CA LYS B 231 18.51 -18.30 -17.43
C LYS B 231 17.92 -19.41 -16.57
N LYS B 232 16.62 -19.61 -16.73
CA LYS B 232 15.91 -20.66 -16.03
C LYS B 232 16.45 -22.06 -16.41
N MET B 233 17.07 -22.20 -17.59
CA MET B 233 17.49 -23.51 -18.10
C MET B 233 18.98 -23.70 -18.01
N SER B 234 19.64 -22.72 -17.41
CA SER B 234 21.04 -22.78 -17.04
C SER B 234 21.08 -23.13 -15.58
N THR B 235 20.19 -22.46 -14.82
CA THR B 235 20.08 -22.63 -13.37
C THR B 235 19.46 -23.97 -12.99
N PRO B 236 20.30 -24.98 -12.70
CA PRO B 236 19.71 -26.25 -12.26
C PRO B 236 19.13 -26.08 -10.86
N ILE B 237 18.14 -26.91 -10.56
CA ILE B 237 17.46 -26.83 -9.28
C ILE B 237 18.41 -26.84 -8.08
N GLU B 238 19.49 -27.61 -8.14
CA GLU B 238 20.41 -27.76 -7.00
C GLU B 238 21.24 -26.52 -6.72
N VAL B 239 21.34 -25.60 -7.69
CA VAL B 239 21.89 -24.27 -7.44
C VAL B 239 20.81 -23.42 -6.84
N LEU B 240 19.69 -23.27 -7.57
CA LEU B 240 18.55 -22.50 -7.08
C LEU B 240 18.33 -22.76 -5.59
N CYS B 241 18.23 -24.03 -5.24
CA CYS B 241 17.78 -24.44 -3.90
C CYS B 241 18.86 -24.71 -2.86
N LYS B 242 20.10 -24.29 -3.12
CA LYS B 242 21.20 -24.56 -2.19
C LYS B 242 21.04 -23.66 -0.97
N GLY B 243 21.48 -24.14 0.19
CA GLY B 243 21.29 -23.43 1.45
C GLY B 243 19.89 -23.57 2.08
N TYR B 244 18.96 -24.20 1.37
CA TYR B 244 17.61 -24.45 1.91
C TYR B 244 17.30 -25.94 2.07
N PRO B 245 16.30 -26.28 2.90
CA PRO B 245 16.05 -27.72 3.07
C PRO B 245 15.84 -28.42 1.72
N SER B 246 16.22 -29.69 1.60
CA SER B 246 16.20 -30.38 0.31
C SER B 246 14.80 -30.65 -0.21
N GLU B 247 13.79 -30.53 0.67
CA GLU B 247 12.42 -30.81 0.28
C GLU B 247 11.99 -29.93 -0.88
N PHE B 248 12.49 -28.70 -0.90
CA PHE B 248 12.24 -27.77 -2.00
C PHE B 248 12.79 -28.28 -3.34
N ALA B 249 14.06 -28.66 -3.35
CA ALA B 249 14.63 -29.35 -4.50
C ALA B 249 13.82 -30.61 -4.88
N THR B 250 13.50 -31.46 -3.89
CA THR B 250 12.71 -32.68 -4.15
C THR B 250 11.42 -32.35 -4.83
N TYR B 251 10.79 -31.31 -4.26
CA TYR B 251 9.50 -30.78 -4.73
C TYR B 251 9.61 -30.41 -6.19
N LEU B 252 10.62 -29.64 -6.53
CA LEU B 252 10.79 -29.14 -7.91
C LEU B 252 11.14 -30.27 -8.90
N ASN B 253 12.08 -31.14 -8.51
CA ASN B 253 12.48 -32.26 -9.36
C ASN B 253 11.29 -33.15 -9.70
N PHE B 254 10.50 -33.48 -8.69
CA PHE B 254 9.27 -34.24 -8.87
C PHE B 254 8.32 -33.61 -9.93
N CYS B 255 8.05 -32.32 -9.81
CA CYS B 255 7.16 -31.66 -10.77
C CYS B 255 7.74 -31.68 -12.18
N ARG B 256 9.05 -31.49 -12.26
CA ARG B 256 9.72 -31.50 -13.56
C ARG B 256 9.74 -32.88 -14.20
N SER B 257 9.42 -33.90 -13.42
CA SER B 257 9.42 -35.29 -13.90
C SER B 257 8.03 -35.80 -14.27
N LEU B 258 6.98 -35.11 -13.87
CA LEU B 258 5.63 -35.53 -14.23
C LEU B 258 5.53 -35.52 -15.76
N ARG B 259 4.74 -36.45 -16.30
CA ARG B 259 4.43 -36.43 -17.72
C ARG B 259 3.22 -35.53 -17.94
N PHE B 260 2.89 -35.26 -19.20
CA PHE B 260 1.87 -34.27 -19.53
C PHE B 260 0.48 -34.48 -18.87
N ASP B 261 0.03 -35.73 -18.73
CA ASP B 261 -1.31 -35.99 -18.20
C ASP B 261 -1.31 -36.71 -16.86
N ASP B 262 -0.16 -36.68 -16.19
CA ASP B 262 -0.01 -37.34 -14.92
C ASP B 262 -0.88 -36.63 -13.89
N LYS B 263 -1.54 -37.43 -13.03
CA LYS B 263 -2.12 -36.94 -11.77
C LYS B 263 -1.04 -36.86 -10.69
N PRO B 264 -0.62 -35.65 -10.33
CA PRO B 264 0.38 -35.48 -9.32
C PRO B 264 -0.01 -36.05 -7.99
N ASP B 265 0.96 -36.53 -7.25
CA ASP B 265 0.71 -37.02 -5.93
C ASP B 265 0.80 -35.82 -4.98
N TYR B 266 -0.31 -35.09 -4.86
CA TYR B 266 -0.35 -33.84 -4.08
C TYR B 266 0.01 -34.13 -2.63
N SER B 267 -0.58 -35.20 -2.10
CA SER B 267 -0.29 -35.73 -0.76
C SER B 267 1.19 -35.97 -0.48
N TYR B 268 1.87 -36.63 -1.40
CA TYR B 268 3.31 -36.82 -1.24
C TYR B 268 3.99 -35.45 -1.14
N LEU B 269 3.70 -34.55 -2.08
CA LEU B 269 4.33 -33.21 -2.11
C LEU B 269 3.91 -32.40 -0.88
N ARG B 270 2.75 -32.68 -0.30
CA ARG B 270 2.32 -32.00 0.94
C ARG B 270 3.13 -32.49 2.12
N GLN B 271 3.36 -33.82 2.17
CA GLN B 271 4.03 -34.53 3.28
C GLN B 271 5.57 -34.31 3.35
N LEU B 272 6.22 -34.07 2.20
CA LEU B 272 7.60 -33.59 2.18
C LEU B 272 7.70 -32.39 3.11
N PHE B 273 6.77 -31.46 2.95
CA PHE B 273 6.77 -30.27 3.74
C PHE B 273 6.30 -30.51 5.20
N ARG B 274 5.20 -31.24 5.41
CA ARG B 274 4.72 -31.48 6.80
C ARG B 274 5.76 -32.12 7.69
N ASN B 275 6.49 -33.08 7.14
CA ASN B 275 7.53 -33.81 7.85
C ASN B 275 8.69 -32.93 8.37
N LEU B 276 9.32 -32.20 7.44
CA LEU B 276 10.25 -31.09 7.70
C LEU B 276 9.72 -30.02 8.68
N PHE B 277 8.41 -29.73 8.61
CA PHE B 277 7.76 -28.80 9.51
C PHE B 277 7.91 -29.30 10.93
N HIS B 278 7.66 -30.58 11.13
CA HIS B 278 7.74 -31.16 12.45
C HIS B 278 9.13 -31.60 12.89
N ARG B 279 10.08 -31.67 11.99
CA ARG B 279 11.47 -31.85 12.45
C ARG B 279 12.15 -30.53 12.83
N GLN B 280 11.72 -29.42 12.25
CA GLN B 280 12.18 -28.12 12.70
C GLN B 280 11.64 -27.83 14.10
N GLY B 281 10.50 -28.44 14.43
CA GLY B 281 9.88 -28.36 15.75
C GLY B 281 8.73 -27.35 15.78
N PHE B 282 8.24 -26.91 14.62
CA PHE B 282 7.20 -25.89 14.57
C PHE B 282 5.82 -26.43 14.98
N SER B 283 5.00 -25.57 15.56
CA SER B 283 3.58 -25.89 15.78
C SER B 283 2.71 -25.38 14.63
N TYR B 284 1.82 -26.24 14.15
CA TYR B 284 0.88 -25.93 13.07
C TYR B 284 -0.22 -25.08 13.68
N ASP B 285 0.12 -23.83 13.99
CA ASP B 285 -0.75 -22.92 14.72
C ASP B 285 -1.22 -21.72 13.90
N TYR B 286 -0.87 -21.65 12.62
CA TYR B 286 -1.33 -20.55 11.78
C TYR B 286 -0.86 -19.17 12.28
N VAL B 287 0.38 -19.07 12.74
CA VAL B 287 0.98 -17.76 13.08
C VAL B 287 2.01 -17.37 12.00
N PHE B 288 1.65 -16.43 11.12
CA PHE B 288 2.54 -16.04 10.02
C PHE B 288 3.46 -14.90 10.45
N ASP B 289 4.51 -14.70 9.66
CA ASP B 289 5.53 -13.67 9.94
C ASP B 289 4.92 -12.30 10.13
N TRP B 290 3.80 -12.06 9.44
CA TRP B 290 3.06 -10.78 9.48
C TRP B 290 2.01 -10.74 10.57
N ASN B 291 2.19 -11.51 11.65
CA ASN B 291 1.18 -11.57 12.71
C ASN B 291 0.88 -10.24 13.42
N MET B 292 1.87 -9.32 13.44
CA MET B 292 1.68 -7.95 13.95
C MET B 292 0.37 -7.33 13.45
N LEU B 293 0.08 -7.51 12.16
CA LEU B 293 -1.14 -7.00 11.52
C LEU B 293 -2.38 -7.61 12.14
N LYS B 294 -3.51 -6.99 11.83
CA LYS B 294 -4.67 -7.04 12.70
C LYS B 294 -5.98 -7.16 11.92
N PHE B 295 -6.16 -8.29 11.23
CA PHE B 295 -7.40 -8.59 10.51
C PHE B 295 -8.06 -9.92 10.95
#